data_3DEB
#
_entry.id   3DEB
#
_cell.length_a   106.74
_cell.length_b   106.74
_cell.length_c   140.24
_cell.angle_alpha   90.0
_cell.angle_beta   90.0
_cell.angle_gamma   120.0
#
_symmetry.space_group_name_H-M   'P 31 2 1'
#
loop_
_entity.id
_entity.type
_entity.pdbx_description
1 polymer 'Botulinum neurotoxin C1 light chain'
2 non-polymer 'SODIUM ION'
3 non-polymer 'CALCIUM ION'
4 non-polymer 'ACETATE ION'
5 non-polymer 'FORMIC ACID'
6 water water
#
_entity_poly.entity_id   1
_entity_poly.type   'polypeptide(L)'
_entity_poly.pdbx_seq_one_letter_code
;MGSSHHHHHHSSGLVPRGSHMPITINNFNYSDPVDNKNILYLDTHLNTLANEPEKAFRITGNIWVIPDRFSRNSNPNLNK
PPRVTSPKSGYYDPNYLSTDSDKDTFLKEIIKLFKRINSREIGEELIYRLSTDIPFPGNNNTPINTFDFDVDFNSVDVKT
RQGNNWVKTGSINPSVIITGPRENIIDPETSTFKLTNNTFAAQEGFGALSIISISPRFMLTYSNATNDVGEGRFSKSEFC
MDPILILMHELNHAMHNLYGIAIPNDQTISSVTSNIFYSQYNVKLEYAEIYAFGGPTIDLIPKSARKYFEEKALDYYRSI
AKRLNSITTANPSSFNKYIGEYKQKLIRKYRFVVESSGEVTVNRNKFVELYNELTQIFTEFNYAKIYNVQNRKIYLSNVY
TPVTANILDDNVYDIQNGFNIPKSNLNVLFMGQNLSRNPALRKVNPENML
;
_entity_poly.pdbx_strand_id   A
#
# COMPACT_ATOMS: atom_id res chain seq x y z
N SER A 19 -4.32 8.61 -16.84
CA SER A 19 -5.35 8.05 -15.89
C SER A 19 -6.63 8.26 -16.69
N HIS A 20 -6.35 8.20 -17.98
CA HIS A 20 -7.25 8.46 -19.09
C HIS A 20 -8.71 8.75 -18.97
N MET A 21 -9.34 8.04 -18.19
CA MET A 21 -10.70 8.38 -17.79
C MET A 21 -10.77 8.79 -16.33
N PRO A 22 -10.87 10.06 -16.07
CA PRO A 22 -10.79 10.61 -14.72
C PRO A 22 -11.25 9.75 -13.55
N ILE A 23 -10.35 9.55 -12.58
CA ILE A 23 -10.61 8.75 -11.39
C ILE A 23 -11.50 9.50 -10.42
N THR A 24 -12.46 8.78 -9.86
CA THR A 24 -13.37 9.33 -8.86
C THR A 24 -13.41 8.32 -7.72
N ILE A 25 -13.32 8.82 -6.50
CA ILE A 25 -13.34 7.95 -5.34
C ILE A 25 -14.78 7.76 -4.84
N ASN A 26 -15.16 6.52 -4.60
CA ASN A 26 -16.52 6.23 -4.12
C ASN A 26 -16.66 6.65 -2.65
N ASN A 27 -17.87 7.03 -2.27
CA ASN A 27 -18.16 7.44 -0.89
C ASN A 27 -19.05 6.38 -0.24
N PHE A 28 -18.76 6.06 1.02
CA PHE A 28 -19.54 5.02 1.71
C PHE A 28 -19.78 5.32 3.18
N ASN A 29 -20.81 4.68 3.71
CA ASN A 29 -21.13 4.69 5.13
C ASN A 29 -20.96 3.20 5.35
N TYR A 30 -20.39 2.78 6.46
CA TYR A 30 -20.20 1.36 6.70
C TYR A 30 -21.52 0.60 6.63
N SER A 31 -22.60 1.30 6.99
CA SER A 31 -23.93 0.70 7.01
C SER A 31 -24.60 0.56 5.64
N ASP A 32 -24.02 1.17 4.60
CA ASP A 32 -24.60 1.09 3.27
C ASP A 32 -24.79 -0.38 2.88
N PRO A 33 -25.96 -0.71 2.30
CA PRO A 33 -26.29 -2.08 1.89
C PRO A 33 -25.42 -2.68 0.78
N VAL A 34 -25.28 -4.00 0.82
CA VAL A 34 -24.55 -4.73 -0.20
C VAL A 34 -25.31 -4.46 -1.51
N ASP A 35 -24.57 -4.20 -2.59
CA ASP A 35 -25.21 -3.93 -3.87
C ASP A 35 -24.66 -4.85 -4.93
N ASN A 36 -23.88 -5.83 -4.49
CA ASN A 36 -23.28 -6.81 -5.38
C ASN A 36 -22.41 -6.16 -6.45
N LYS A 37 -21.92 -4.95 -6.16
CA LYS A 37 -21.08 -4.24 -7.11
C LYS A 37 -19.90 -3.54 -6.42
N ASN A 38 -20.23 -2.61 -5.53
CA ASN A 38 -19.22 -1.85 -4.80
C ASN A 38 -19.18 -2.15 -3.31
N ILE A 39 -20.16 -2.92 -2.85
CA ILE A 39 -20.22 -3.32 -1.44
C ILE A 39 -20.58 -4.78 -1.41
N LEU A 40 -19.68 -5.59 -0.85
CA LEU A 40 -19.89 -7.03 -0.77
C LEU A 40 -19.23 -7.62 0.47
N TYR A 41 -19.55 -8.88 0.75
CA TYR A 41 -18.97 -9.60 1.88
C TYR A 41 -17.94 -10.51 1.24
N LEU A 42 -16.70 -10.44 1.73
CA LEU A 42 -15.63 -11.25 1.17
C LEU A 42 -14.96 -12.20 2.15
N ASP A 43 -14.32 -13.22 1.60
CA ASP A 43 -13.58 -14.20 2.39
C ASP A 43 -12.23 -14.31 1.67
N THR A 44 -11.21 -13.68 2.26
CA THR A 44 -9.87 -13.69 1.66
C THR A 44 -9.08 -14.94 2.01
N HIS A 45 -9.57 -15.68 3.00
CA HIS A 45 -8.91 -16.90 3.46
C HIS A 45 -7.51 -16.56 3.98
N LEU A 46 -7.35 -15.34 4.48
CA LEU A 46 -6.06 -14.89 5.00
C LEU A 46 -6.12 -14.21 6.36
N ASN A 47 -7.28 -13.66 6.72
CA ASN A 47 -7.41 -12.97 8.00
C ASN A 47 -7.76 -13.91 9.14
N THR A 48 -6.78 -14.24 9.98
CA THR A 48 -6.99 -15.15 11.09
C THR A 48 -7.92 -14.59 12.16
N LEU A 49 -8.19 -13.29 12.09
CA LEU A 49 -9.08 -12.64 13.05
C LEU A 49 -10.53 -12.77 12.60
N ALA A 50 -10.73 -13.12 11.33
CA ALA A 50 -12.08 -13.24 10.76
C ALA A 50 -12.67 -14.64 10.91
N ASN A 51 -13.87 -14.70 11.47
CA ASN A 51 -14.57 -15.96 11.67
C ASN A 51 -15.74 -16.09 10.69
N GLU A 52 -16.03 -15.00 9.99
CA GLU A 52 -17.09 -14.97 9.00
C GLU A 52 -16.72 -13.95 7.93
N PRO A 53 -17.45 -13.93 6.80
CA PRO A 53 -17.15 -12.98 5.73
C PRO A 53 -17.05 -11.53 6.22
N GLU A 54 -16.15 -10.78 5.60
CA GLU A 54 -15.90 -9.39 5.95
C GLU A 54 -16.50 -8.42 4.93
N LYS A 55 -17.19 -7.41 5.42
CA LYS A 55 -17.81 -6.41 4.55
C LYS A 55 -16.70 -5.59 3.90
N ALA A 56 -16.76 -5.46 2.58
CA ALA A 56 -15.76 -4.74 1.81
C ALA A 56 -16.39 -3.67 0.93
N PHE A 57 -15.61 -2.64 0.62
CA PHE A 57 -16.07 -1.52 -0.18
C PHE A 57 -15.06 -1.21 -1.29
N ARG A 58 -15.56 -0.98 -2.50
CA ARG A 58 -14.69 -0.68 -3.64
C ARG A 58 -14.40 0.81 -3.68
N ILE A 59 -13.15 1.17 -3.39
CA ILE A 59 -12.74 2.57 -3.41
C ILE A 59 -12.82 3.07 -4.85
N THR A 60 -12.24 2.30 -5.75
CA THR A 60 -12.27 2.63 -7.17
C THR A 60 -11.59 1.49 -7.91
N GLY A 61 -12.16 1.10 -9.05
CA GLY A 61 -11.57 0.03 -9.83
C GLY A 61 -11.32 -1.22 -9.01
N ASN A 62 -10.10 -1.74 -9.09
CA ASN A 62 -9.74 -2.94 -8.37
C ASN A 62 -9.10 -2.71 -6.99
N ILE A 63 -9.36 -1.54 -6.40
CA ILE A 63 -8.84 -1.25 -5.07
C ILE A 63 -10.02 -1.33 -4.11
N TRP A 64 -9.92 -2.23 -3.14
CA TRP A 64 -10.98 -2.42 -2.14
C TRP A 64 -10.48 -2.13 -0.74
N VAL A 65 -11.42 -1.90 0.17
CA VAL A 65 -11.09 -1.67 1.56
C VAL A 65 -12.01 -2.46 2.48
N ILE A 66 -11.41 -3.15 3.44
CA ILE A 66 -12.14 -3.93 4.43
C ILE A 66 -11.68 -3.28 5.72
N PRO A 67 -12.54 -2.45 6.34
CA PRO A 67 -12.21 -1.75 7.58
C PRO A 67 -12.14 -2.58 8.86
N ASP A 68 -11.47 -3.73 8.79
CA ASP A 68 -11.32 -4.60 9.95
C ASP A 68 -9.85 -4.79 10.30
N ARG A 69 -9.57 -5.19 11.54
CA ARG A 69 -8.21 -5.47 11.95
C ARG A 69 -7.83 -6.72 11.15
N PHE A 70 -6.55 -6.89 10.86
CA PHE A 70 -6.08 -8.01 10.07
C PHE A 70 -4.90 -8.69 10.74
N SER A 71 -4.82 -10.02 10.64
CA SER A 71 -3.73 -10.77 11.22
C SER A 71 -3.40 -12.02 10.41
N ARG A 72 -2.14 -12.44 10.50
CA ARG A 72 -1.69 -13.64 9.81
C ARG A 72 -1.22 -14.67 10.84
N ASN A 73 -1.31 -14.31 12.12
CA ASN A 73 -0.89 -15.21 13.19
C ASN A 73 -2.02 -16.13 13.65
N SER A 74 -1.69 -17.40 13.87
CA SER A 74 -2.68 -18.36 14.34
C SER A 74 -2.97 -17.97 15.79
N ASN A 75 -4.22 -18.11 16.22
CA ASN A 75 -4.60 -17.72 17.58
C ASN A 75 -4.15 -16.27 17.78
N PRO A 76 -4.62 -15.37 16.90
CA PRO A 76 -4.23 -13.96 17.02
C PRO A 76 -4.70 -13.27 18.30
N ASN A 77 -3.90 -12.33 18.77
CA ASN A 77 -4.22 -11.57 19.97
C ASN A 77 -3.78 -10.14 19.72
N LEU A 78 -4.71 -9.19 19.83
CA LEU A 78 -4.40 -7.79 19.59
C LEU A 78 -4.03 -7.03 20.86
N ASN A 79 -3.92 -7.74 21.97
CA ASN A 79 -3.56 -7.09 23.23
C ASN A 79 -2.08 -6.76 23.25
N LYS A 80 -1.73 -5.78 24.08
CA LYS A 80 -0.34 -5.34 24.24
C LYS A 80 0.48 -6.54 24.70
N PRO A 81 1.62 -6.81 24.05
CA PRO A 81 2.46 -7.95 24.46
C PRO A 81 3.06 -7.77 25.85
N PRO A 82 3.10 -8.85 26.66
CA PRO A 82 3.67 -8.76 28.01
C PRO A 82 5.18 -8.62 27.86
N ARG A 83 5.75 -9.47 27.01
CA ARG A 83 7.18 -9.44 26.73
C ARG A 83 7.42 -8.18 25.91
N VAL A 84 8.67 -7.75 25.82
CA VAL A 84 8.99 -6.56 25.05
C VAL A 84 10.08 -6.86 24.03
N THR A 85 9.67 -7.24 22.82
CA THR A 85 10.62 -7.53 21.76
C THR A 85 11.33 -6.22 21.43
N SER A 86 10.67 -5.36 20.66
CA SER A 86 11.21 -4.05 20.29
C SER A 86 12.63 -4.15 19.75
N PRO A 87 13.39 -3.03 19.69
CA PRO A 87 13.16 -1.63 20.08
C PRO A 87 12.07 -0.93 19.26
N LYS A 88 11.64 -1.58 18.19
CA LYS A 88 10.60 -1.05 17.30
C LYS A 88 9.43 -0.53 18.14
N SER A 89 9.02 0.71 17.89
CA SER A 89 7.91 1.31 18.62
C SER A 89 6.61 0.58 18.30
N GLY A 90 5.76 0.42 19.32
CA GLY A 90 4.50 -0.25 19.12
C GLY A 90 3.35 0.39 19.87
N TYR A 91 2.16 0.31 19.30
CA TYR A 91 0.94 0.84 19.89
C TYR A 91 -0.10 -0.26 19.77
N TYR A 92 -0.68 -0.66 20.90
CA TYR A 92 -1.66 -1.75 20.90
C TYR A 92 -3.01 -1.37 21.52
N ASP A 93 -4.08 -1.80 20.88
CA ASP A 93 -5.44 -1.54 21.35
C ASP A 93 -6.31 -2.63 20.76
N PRO A 94 -6.64 -3.65 21.56
CA PRO A 94 -7.47 -4.76 21.07
C PRO A 94 -8.88 -4.35 20.66
N ASN A 95 -9.30 -3.15 21.05
CA ASN A 95 -10.64 -2.68 20.73
C ASN A 95 -10.72 -1.74 19.52
N TYR A 96 -9.57 -1.30 19.02
CA TYR A 96 -9.57 -0.41 17.86
C TYR A 96 -10.19 -1.13 16.66
N LEU A 97 -11.22 -0.51 16.09
CA LEU A 97 -11.95 -1.06 14.94
C LEU A 97 -12.82 -2.26 15.29
N SER A 98 -13.18 -2.39 16.57
CA SER A 98 -14.01 -3.51 17.00
C SER A 98 -15.48 -3.22 16.76
N THR A 99 -15.87 -1.95 16.85
CA THR A 99 -17.27 -1.56 16.65
C THR A 99 -17.52 -1.03 15.23
N ASP A 100 -18.77 -1.15 14.79
CA ASP A 100 -19.13 -0.67 13.46
C ASP A 100 -18.89 0.83 13.36
N SER A 101 -19.09 1.53 14.47
CA SER A 101 -18.86 2.96 14.52
C SER A 101 -17.40 3.26 14.18
N ASP A 102 -16.51 2.44 14.73
CA ASP A 102 -15.08 2.57 14.48
C ASP A 102 -14.76 2.34 13.01
N LYS A 103 -15.36 1.28 12.46
CA LYS A 103 -15.15 0.92 11.07
C LYS A 103 -15.65 1.99 10.12
N ASP A 104 -16.77 2.62 10.47
CA ASP A 104 -17.33 3.67 9.64
C ASP A 104 -16.36 4.84 9.54
N THR A 105 -15.77 5.21 10.67
CA THR A 105 -14.81 6.31 10.70
C THR A 105 -13.55 5.95 9.92
N PHE A 106 -13.05 4.73 10.13
CA PHE A 106 -11.86 4.26 9.44
C PHE A 106 -12.10 4.27 7.93
N LEU A 107 -13.26 3.73 7.53
CA LEU A 107 -13.63 3.67 6.13
C LEU A 107 -13.63 5.07 5.51
N LYS A 108 -14.23 6.03 6.22
CA LYS A 108 -14.29 7.39 5.71
C LYS A 108 -12.93 8.07 5.69
N GLU A 109 -12.04 7.68 6.60
CA GLU A 109 -10.70 8.26 6.64
C GLU A 109 -9.92 7.82 5.39
N ILE A 110 -9.98 6.53 5.09
CA ILE A 110 -9.28 5.98 3.94
C ILE A 110 -9.80 6.65 2.68
N ILE A 111 -11.12 6.77 2.58
CA ILE A 111 -11.73 7.42 1.42
C ILE A 111 -11.25 8.85 1.26
N LYS A 112 -11.24 9.60 2.37
CA LYS A 112 -10.82 10.99 2.32
C LYS A 112 -9.35 11.11 1.91
N LEU A 113 -8.52 10.19 2.39
CA LEU A 113 -7.10 10.21 2.05
C LEU A 113 -6.91 9.94 0.56
N PHE A 114 -7.71 9.04 0.00
CA PHE A 114 -7.60 8.75 -1.42
C PHE A 114 -8.00 9.97 -2.25
N LYS A 115 -8.99 10.73 -1.78
CA LYS A 115 -9.42 11.93 -2.48
C LYS A 115 -8.28 12.94 -2.48
N ARG A 116 -7.59 13.07 -1.35
CA ARG A 116 -6.49 14.01 -1.27
C ARG A 116 -5.33 13.54 -2.15
N ILE A 117 -5.09 12.23 -2.16
CA ILE A 117 -4.03 11.70 -3.02
C ILE A 117 -4.37 12.02 -4.47
N ASN A 118 -5.65 11.86 -4.80
CA ASN A 118 -6.17 12.09 -6.14
C ASN A 118 -6.22 13.56 -6.55
N SER A 119 -5.92 14.47 -5.61
CA SER A 119 -5.95 15.90 -5.92
C SER A 119 -4.72 16.39 -6.70
N ARG A 120 -3.68 15.56 -6.76
CA ARG A 120 -2.46 15.89 -7.51
C ARG A 120 -2.28 14.89 -8.64
N GLU A 121 -1.73 15.35 -9.77
CA GLU A 121 -1.53 14.48 -10.91
C GLU A 121 -0.83 13.17 -10.62
N ILE A 122 0.27 13.21 -9.88
CA ILE A 122 1.01 11.98 -9.60
C ILE A 122 0.16 11.00 -8.79
N GLY A 123 -0.65 11.53 -7.87
CA GLY A 123 -1.51 10.68 -7.07
C GLY A 123 -2.63 10.07 -7.89
N GLU A 124 -3.17 10.85 -8.82
CA GLU A 124 -4.23 10.35 -9.67
C GLU A 124 -3.68 9.19 -10.52
N GLU A 125 -2.46 9.34 -11.02
CA GLU A 125 -1.84 8.30 -11.85
C GLU A 125 -1.55 7.06 -10.99
N LEU A 126 -1.10 7.28 -9.76
CA LEU A 126 -0.81 6.18 -8.84
C LEU A 126 -2.08 5.35 -8.63
N ILE A 127 -3.17 6.04 -8.33
CA ILE A 127 -4.46 5.36 -8.12
C ILE A 127 -4.95 4.70 -9.41
N TYR A 128 -4.82 5.41 -10.53
CA TYR A 128 -5.26 4.87 -11.81
C TYR A 128 -4.55 3.53 -12.08
N ARG A 129 -3.24 3.51 -11.94
CA ARG A 129 -2.49 2.28 -12.19
C ARG A 129 -2.85 1.13 -11.25
N LEU A 130 -2.86 1.40 -9.95
CA LEU A 130 -3.20 0.37 -8.98
C LEU A 130 -4.64 -0.14 -9.14
N SER A 131 -5.53 0.72 -9.61
CA SER A 131 -6.93 0.32 -9.77
C SER A 131 -7.28 -0.24 -11.14
N THR A 132 -6.35 -0.11 -12.09
CA THR A 132 -6.60 -0.57 -13.45
C THR A 132 -5.75 -1.77 -13.88
N ASP A 133 -4.44 -1.68 -13.74
CA ASP A 133 -3.58 -2.79 -14.13
C ASP A 133 -3.73 -3.95 -13.16
N ILE A 134 -3.61 -5.17 -13.68
CA ILE A 134 -3.77 -6.35 -12.85
C ILE A 134 -2.56 -7.27 -12.84
N PRO A 135 -2.48 -8.13 -11.82
CA PRO A 135 -1.36 -9.05 -11.74
C PRO A 135 -1.52 -10.00 -12.93
N PHE A 136 -0.41 -10.48 -13.48
CA PHE A 136 -0.53 -11.44 -14.57
C PHE A 136 -1.23 -12.62 -13.91
N PRO A 137 -2.21 -13.24 -14.60
CA PRO A 137 -2.89 -14.38 -13.98
C PRO A 137 -2.05 -15.65 -13.97
N GLY A 138 -1.21 -15.78 -12.94
CA GLY A 138 -0.37 -16.95 -12.83
C GLY A 138 0.83 -16.72 -11.92
N ASN A 139 1.60 -17.78 -11.73
CA ASN A 139 2.81 -17.71 -10.92
C ASN A 139 3.86 -18.62 -11.56
N ASN A 140 4.97 -18.83 -10.86
CA ASN A 140 6.05 -19.64 -11.39
C ASN A 140 5.61 -21.04 -11.84
N ASN A 141 4.59 -21.59 -11.19
CA ASN A 141 4.13 -22.92 -11.55
C ASN A 141 3.00 -22.99 -12.55
N THR A 142 2.56 -21.85 -13.05
CA THR A 142 1.49 -21.82 -14.05
C THR A 142 2.04 -22.24 -15.40
N PRO A 143 1.34 -23.18 -16.08
CA PRO A 143 1.84 -23.62 -17.39
C PRO A 143 1.99 -22.40 -18.31
N ILE A 144 3.00 -22.44 -19.18
CA ILE A 144 3.28 -21.35 -20.10
C ILE A 144 2.08 -20.91 -20.95
N ASN A 145 1.23 -21.84 -21.33
CA ASN A 145 0.07 -21.51 -22.17
C ASN A 145 -1.21 -21.23 -21.40
N THR A 146 -1.11 -21.03 -20.10
CA THR A 146 -2.30 -20.80 -19.28
C THR A 146 -2.40 -19.47 -18.53
N PHE A 147 -3.64 -18.97 -18.45
CA PHE A 147 -3.98 -17.76 -17.70
C PHE A 147 -4.72 -18.36 -16.51
N ASP A 148 -4.25 -18.14 -15.30
CA ASP A 148 -4.91 -18.69 -14.13
C ASP A 148 -5.38 -17.57 -13.21
N PHE A 149 -6.66 -17.26 -13.29
CA PHE A 149 -7.25 -16.18 -12.50
C PHE A 149 -7.52 -16.55 -11.04
N ASP A 150 -7.21 -17.79 -10.66
CA ASP A 150 -7.42 -18.24 -9.28
C ASP A 150 -6.10 -18.55 -8.58
N VAL A 151 -4.99 -18.32 -9.25
CA VAL A 151 -3.68 -18.61 -8.67
C VAL A 151 -3.44 -18.01 -7.28
N ASP A 152 -2.81 -18.79 -6.40
CA ASP A 152 -2.50 -18.36 -5.04
C ASP A 152 -3.67 -17.71 -4.32
N PHE A 153 -3.56 -16.42 -4.00
CA PHE A 153 -4.64 -15.72 -3.31
C PHE A 153 -5.22 -14.56 -4.10
N ASN A 154 -5.00 -14.58 -5.42
CA ASN A 154 -5.49 -13.52 -6.29
C ASN A 154 -7.00 -13.42 -6.40
N SER A 155 -7.70 -14.55 -6.25
CA SER A 155 -9.15 -14.54 -6.33
C SER A 155 -9.74 -14.62 -4.93
N VAL A 156 -10.62 -13.69 -4.61
CA VAL A 156 -11.25 -13.63 -3.30
C VAL A 156 -12.73 -14.02 -3.41
N ASP A 157 -13.17 -14.89 -2.51
CA ASP A 157 -14.57 -15.35 -2.53
C ASP A 157 -15.57 -14.28 -2.11
N VAL A 158 -16.68 -14.25 -2.85
CA VAL A 158 -17.77 -13.33 -2.53
C VAL A 158 -18.84 -14.23 -1.91
N LYS A 159 -19.32 -13.86 -0.74
CA LYS A 159 -20.33 -14.67 -0.07
C LYS A 159 -21.52 -13.85 0.40
N THR A 160 -22.64 -14.55 0.57
CA THR A 160 -23.88 -13.93 1.03
C THR A 160 -24.52 -14.87 2.05
N ARG A 161 -25.18 -14.29 3.05
CA ARG A 161 -25.81 -15.11 4.07
C ARG A 161 -27.09 -15.79 3.57
N GLN A 162 -27.13 -17.11 3.77
CA GLN A 162 -28.29 -17.93 3.39
C GLN A 162 -28.68 -18.66 4.66
N GLY A 163 -29.79 -18.25 5.25
CA GLY A 163 -30.23 -18.88 6.48
C GLY A 163 -29.33 -18.37 7.60
N ASN A 164 -28.62 -19.29 8.26
CA ASN A 164 -27.72 -18.91 9.34
C ASN A 164 -26.28 -19.06 8.89
N ASN A 165 -26.10 -19.43 7.62
CA ASN A 165 -24.77 -19.64 7.06
C ASN A 165 -24.38 -18.63 6.00
N TRP A 166 -23.18 -18.80 5.47
CA TRP A 166 -22.65 -17.96 4.41
C TRP A 166 -22.28 -18.89 3.27
N VAL A 167 -22.75 -18.57 2.07
CA VAL A 167 -22.43 -19.40 0.92
C VAL A 167 -21.75 -18.59 -0.17
N LYS A 168 -20.79 -19.20 -0.84
CA LYS A 168 -20.05 -18.55 -1.91
C LYS A 168 -20.96 -18.38 -3.12
N THR A 169 -20.96 -17.17 -3.69
CA THR A 169 -21.79 -16.90 -4.86
C THR A 169 -20.93 -16.49 -6.05
N GLY A 170 -19.64 -16.33 -5.79
CA GLY A 170 -18.73 -15.94 -6.86
C GLY A 170 -17.40 -15.50 -6.28
N SER A 171 -16.67 -14.71 -7.05
CA SER A 171 -15.37 -14.22 -6.59
C SER A 171 -14.95 -12.99 -7.38
N ILE A 172 -14.05 -12.21 -6.79
CA ILE A 172 -13.51 -11.02 -7.44
C ILE A 172 -11.98 -11.08 -7.34
N ASN A 173 -11.32 -10.30 -8.18
CA ASN A 173 -9.86 -10.24 -8.18
C ASN A 173 -9.37 -8.84 -7.88
N PRO A 174 -9.30 -8.49 -6.59
CA PRO A 174 -8.82 -7.15 -6.25
C PRO A 174 -7.32 -7.10 -6.53
N SER A 175 -6.79 -5.92 -6.85
CA SER A 175 -5.36 -5.81 -7.07
C SER A 175 -4.75 -5.37 -5.74
N VAL A 176 -5.53 -4.61 -4.98
CA VAL A 176 -5.10 -4.10 -3.68
C VAL A 176 -6.27 -4.08 -2.70
N ILE A 177 -6.04 -4.61 -1.50
CA ILE A 177 -7.06 -4.56 -0.47
C ILE A 177 -6.46 -3.85 0.73
N ILE A 178 -7.08 -2.75 1.12
CA ILE A 178 -6.64 -2.00 2.28
C ILE A 178 -7.45 -2.49 3.48
N THR A 179 -6.76 -2.79 4.58
CA THR A 179 -7.45 -3.24 5.78
C THR A 179 -6.93 -2.40 6.93
N GLY A 180 -7.54 -2.60 8.11
CA GLY A 180 -7.11 -1.89 9.30
C GLY A 180 -5.79 -2.50 9.72
N PRO A 181 -5.13 -1.97 10.76
CA PRO A 181 -3.85 -2.48 11.24
C PRO A 181 -3.84 -3.92 11.71
N ARG A 182 -2.64 -4.46 11.83
CA ARG A 182 -2.44 -5.81 12.33
C ARG A 182 -2.26 -5.58 13.84
N GLU A 183 -1.49 -6.44 14.51
CA GLU A 183 -1.29 -6.31 15.96
C GLU A 183 -0.73 -4.94 16.36
N ASN A 184 0.38 -4.54 15.75
CA ASN A 184 1.00 -3.26 16.05
C ASN A 184 0.33 -2.19 15.17
N ILE A 185 -0.50 -1.36 15.79
CA ILE A 185 -1.22 -0.33 15.08
C ILE A 185 -0.35 0.70 14.36
N ILE A 186 0.86 0.95 14.85
CA ILE A 186 1.73 1.90 14.19
C ILE A 186 2.81 1.27 13.33
N ASP A 187 2.54 0.06 12.83
CA ASP A 187 3.47 -0.61 11.95
C ASP A 187 2.76 -1.03 10.66
N PRO A 188 2.52 -0.08 9.75
CA PRO A 188 1.83 -0.41 8.49
C PRO A 188 2.54 -1.55 7.78
N GLU A 189 1.79 -2.49 7.23
CA GLU A 189 2.38 -3.63 6.55
C GLU A 189 1.67 -4.01 5.25
N THR A 190 2.46 -4.09 4.17
CA THR A 190 1.93 -4.47 2.87
C THR A 190 2.54 -5.84 2.54
N SER A 191 1.71 -6.78 2.13
CA SER A 191 2.19 -8.12 1.81
C SER A 191 1.43 -8.74 0.66
N THR A 192 2.06 -9.75 0.05
CA THR A 192 1.43 -10.53 -1.00
C THR A 192 1.47 -11.91 -0.34
N PHE A 193 0.76 -12.88 -0.91
CA PHE A 193 0.67 -14.19 -0.31
C PHE A 193 0.77 -15.31 -1.35
N LYS A 194 1.28 -16.46 -0.93
CA LYS A 194 1.44 -17.57 -1.86
C LYS A 194 1.21 -18.91 -1.18
N LEU A 195 0.98 -19.93 -1.99
CA LEU A 195 0.78 -21.28 -1.47
C LEU A 195 2.17 -21.79 -1.10
N THR A 196 2.22 -22.68 -0.13
CA THR A 196 3.49 -23.24 0.36
C THR A 196 4.52 -23.62 -0.71
N ASN A 197 4.11 -24.42 -1.67
CA ASN A 197 5.03 -24.88 -2.72
C ASN A 197 5.32 -23.94 -3.88
N ASN A 198 4.94 -22.66 -3.74
CA ASN A 198 5.20 -21.70 -4.81
C ASN A 198 6.21 -20.66 -4.33
N THR A 199 6.60 -19.77 -5.24
CA THR A 199 7.52 -18.69 -4.91
C THR A 199 6.69 -17.42 -5.07
N PHE A 200 7.18 -16.28 -4.57
CA PHE A 200 6.43 -15.03 -4.64
C PHE A 200 6.33 -14.41 -6.05
N ALA A 201 5.15 -14.51 -6.63
CA ALA A 201 4.90 -13.97 -7.97
C ALA A 201 5.16 -12.47 -8.03
N ALA A 202 5.04 -11.80 -6.90
CA ALA A 202 5.26 -10.36 -6.85
C ALA A 202 6.73 -10.00 -7.13
N GLN A 203 7.63 -10.96 -6.95
CA GLN A 203 9.05 -10.74 -7.17
C GLN A 203 9.49 -11.32 -8.51
N GLU A 204 8.53 -11.84 -9.28
CA GLU A 204 8.85 -12.48 -10.55
C GLU A 204 8.12 -11.98 -11.79
N GLY A 205 7.90 -10.67 -11.88
CA GLY A 205 7.23 -10.10 -13.03
C GLY A 205 5.71 -10.25 -13.09
N PHE A 206 5.19 -11.36 -12.61
CA PHE A 206 3.74 -11.59 -12.62
C PHE A 206 3.01 -10.52 -11.84
N GLY A 207 3.43 -10.35 -10.59
CA GLY A 207 2.78 -9.42 -9.70
C GLY A 207 1.75 -10.26 -8.96
N ALA A 208 1.09 -9.69 -7.97
CA ALA A 208 0.08 -10.43 -7.22
C ALA A 208 -0.74 -9.47 -6.37
N LEU A 209 -1.85 -9.97 -5.84
CA LEU A 209 -2.73 -9.18 -4.99
C LEU A 209 -1.97 -8.74 -3.74
N SER A 210 -2.12 -7.46 -3.38
CA SER A 210 -1.47 -6.92 -2.21
C SER A 210 -2.51 -6.58 -1.14
N ILE A 211 -2.15 -6.77 0.13
CA ILE A 211 -3.01 -6.38 1.22
C ILE A 211 -2.19 -5.38 2.03
N ILE A 212 -2.77 -4.21 2.27
CA ILE A 212 -2.12 -3.17 3.03
C ILE A 212 -2.88 -3.00 4.34
N SER A 213 -2.26 -3.31 5.47
CA SER A 213 -2.90 -3.18 6.78
C SER A 213 -2.30 -1.92 7.38
N ILE A 214 -3.17 -0.95 7.68
CA ILE A 214 -2.68 0.35 8.11
C ILE A 214 -3.76 1.21 8.75
N SER A 215 -3.33 2.28 9.41
CA SER A 215 -4.23 3.27 9.99
C SER A 215 -3.48 4.59 9.93
N PRO A 216 -3.63 5.31 8.82
CA PRO A 216 -2.95 6.60 8.59
C PRO A 216 -3.13 7.68 9.65
N ARG A 217 -4.22 7.65 10.40
CA ARG A 217 -4.42 8.69 11.41
C ARG A 217 -3.43 8.58 12.57
N PHE A 218 -2.77 7.43 12.69
CA PHE A 218 -1.75 7.25 13.73
C PHE A 218 -0.47 7.71 13.02
N MET A 219 -0.13 8.97 13.23
CA MET A 219 1.03 9.57 12.57
C MET A 219 2.36 9.53 13.30
N LEU A 220 3.38 9.15 12.56
CA LEU A 220 4.74 9.09 13.05
C LEU A 220 5.24 10.53 13.17
N THR A 221 6.05 10.81 14.18
CA THR A 221 6.58 12.16 14.39
C THR A 221 8.11 12.17 14.26
N TYR A 222 8.67 13.30 13.83
CA TYR A 222 10.10 13.42 13.60
C TYR A 222 10.54 14.87 13.67
N SER A 223 11.86 15.09 13.72
CA SER A 223 12.43 16.44 13.75
C SER A 223 13.43 16.59 12.60
N ASN A 224 13.96 15.46 12.14
CA ASN A 224 14.91 15.46 11.02
C ASN A 224 14.05 15.46 9.76
N ALA A 225 13.69 16.66 9.29
CA ALA A 225 12.82 16.84 8.13
C ALA A 225 13.45 17.38 6.86
N THR A 226 12.73 17.20 5.75
CA THR A 226 13.18 17.65 4.43
C THR A 226 13.17 19.15 4.25
N ASN A 227 12.20 19.83 4.85
CA ASN A 227 12.09 21.27 4.71
C ASN A 227 12.62 22.05 5.89
N ASP A 228 13.57 22.94 5.60
CA ASP A 228 14.18 23.80 6.59
C ASP A 228 13.15 24.87 6.92
N VAL A 229 12.84 25.04 8.20
CA VAL A 229 11.88 26.07 8.60
C VAL A 229 12.59 27.12 9.46
N GLY A 230 13.91 27.20 9.31
CA GLY A 230 14.71 28.18 10.02
C GLY A 230 15.06 27.94 11.48
N GLU A 231 14.88 26.72 11.96
CA GLU A 231 15.18 26.42 13.36
C GLU A 231 16.52 25.74 13.62
N GLY A 232 17.30 25.54 12.57
CA GLY A 232 18.59 24.87 12.70
C GLY A 232 19.53 25.29 13.82
N ARG A 233 19.61 26.59 14.09
CA ARG A 233 20.51 27.09 15.13
C ARG A 233 19.86 27.11 16.51
N PHE A 234 18.56 26.89 16.56
CA PHE A 234 17.86 26.94 17.82
C PHE A 234 17.34 25.57 18.25
N SER A 235 16.04 25.46 18.51
CA SER A 235 15.47 24.18 18.92
C SER A 235 14.50 23.76 17.84
N LYS A 236 14.77 22.63 17.20
CA LYS A 236 13.92 22.16 16.12
C LYS A 236 12.59 21.58 16.58
N SER A 237 11.53 21.95 15.88
CA SER A 237 10.19 21.48 16.20
C SER A 237 10.00 20.04 15.73
N GLU A 238 9.05 19.35 16.36
CA GLU A 238 8.69 18.00 15.97
C GLU A 238 7.53 18.20 15.01
N PHE A 239 7.48 17.38 13.96
CA PHE A 239 6.42 17.47 12.97
C PHE A 239 5.80 16.09 12.84
N CYS A 240 4.57 16.03 12.31
CA CYS A 240 3.91 14.75 12.10
C CYS A 240 3.97 14.46 10.62
N MET A 241 3.84 13.19 10.25
CA MET A 241 3.81 12.83 8.85
C MET A 241 2.37 13.05 8.42
N ASP A 242 2.17 13.55 7.20
CA ASP A 242 0.82 13.73 6.70
C ASP A 242 0.32 12.32 6.40
N PRO A 243 -0.89 11.97 6.87
CA PRO A 243 -1.46 10.64 6.65
C PRO A 243 -1.38 10.14 5.20
N ILE A 244 -1.50 11.02 4.21
CA ILE A 244 -1.45 10.55 2.83
C ILE A 244 -0.08 9.96 2.49
N LEU A 245 0.99 10.48 3.08
CA LEU A 245 2.31 9.93 2.78
C LEU A 245 2.52 8.59 3.46
N ILE A 246 1.90 8.40 4.62
CA ILE A 246 2.01 7.13 5.32
C ILE A 246 1.32 6.08 4.44
N LEU A 247 0.16 6.44 3.90
CA LEU A 247 -0.58 5.53 3.02
C LEU A 247 0.12 5.35 1.68
N MET A 248 0.54 6.46 1.07
CA MET A 248 1.21 6.39 -0.23
C MET A 248 2.50 5.57 -0.17
N HIS A 249 3.16 5.59 0.98
CA HIS A 249 4.40 4.80 1.15
C HIS A 249 4.06 3.33 0.88
N GLU A 250 2.96 2.87 1.46
CA GLU A 250 2.54 1.49 1.26
C GLU A 250 2.01 1.26 -0.15
N LEU A 251 1.38 2.27 -0.74
CA LEU A 251 0.88 2.13 -2.10
C LEU A 251 2.07 1.93 -3.04
N ASN A 252 3.24 2.43 -2.62
CA ASN A 252 4.43 2.25 -3.45
C ASN A 252 4.81 0.77 -3.43
N HIS A 253 4.69 0.15 -2.25
CA HIS A 253 4.97 -1.28 -2.14
C HIS A 253 3.98 -2.04 -3.03
N ALA A 254 2.72 -1.61 -3.00
CA ALA A 254 1.69 -2.25 -3.81
C ALA A 254 2.02 -2.11 -5.29
N MET A 255 2.59 -0.97 -5.67
CA MET A 255 2.97 -0.75 -7.07
C MET A 255 4.06 -1.76 -7.47
N HIS A 256 5.06 -1.92 -6.61
CA HIS A 256 6.14 -2.86 -6.88
C HIS A 256 5.57 -4.27 -6.99
N ASN A 257 4.63 -4.60 -6.09
CA ASN A 257 4.01 -5.92 -6.09
C ASN A 257 3.16 -6.16 -7.33
N LEU A 258 2.40 -5.14 -7.72
CA LEU A 258 1.53 -5.25 -8.89
C LEU A 258 2.31 -5.48 -10.18
N TYR A 259 3.41 -4.75 -10.34
CA TYR A 259 4.24 -4.87 -11.54
C TYR A 259 5.32 -5.94 -11.47
N GLY A 260 5.26 -6.76 -10.42
CA GLY A 260 6.19 -7.86 -10.25
C GLY A 260 7.66 -7.52 -10.08
N ILE A 261 7.96 -6.37 -9.48
CA ILE A 261 9.36 -5.96 -9.29
C ILE A 261 9.73 -5.84 -7.82
N ALA A 262 8.98 -6.48 -6.93
CA ALA A 262 9.26 -6.43 -5.51
C ALA A 262 10.60 -7.10 -5.22
N ILE A 263 11.40 -6.46 -4.39
CA ILE A 263 12.70 -7.02 -4.00
C ILE A 263 12.49 -7.80 -2.71
N PRO A 264 12.97 -9.07 -2.65
CA PRO A 264 12.81 -9.90 -1.45
C PRO A 264 13.25 -9.15 -0.20
N ASN A 265 12.52 -9.36 0.89
CA ASN A 265 12.85 -8.65 2.13
C ASN A 265 14.16 -9.07 2.78
N ASP A 266 14.83 -10.09 2.24
CA ASP A 266 16.09 -10.52 2.81
C ASP A 266 17.23 -9.70 2.21
N GLN A 267 16.88 -8.77 1.33
CA GLN A 267 17.86 -7.87 0.70
C GLN A 267 17.84 -6.63 1.58
N THR A 268 18.86 -6.48 2.42
CA THR A 268 18.91 -5.37 3.36
C THR A 268 20.30 -4.78 3.55
N ILE A 269 20.34 -3.64 4.25
CA ILE A 269 21.59 -2.99 4.60
C ILE A 269 21.50 -2.70 6.09
N SER A 270 22.50 -3.17 6.84
CA SER A 270 22.52 -2.96 8.29
C SER A 270 22.71 -1.49 8.63
N SER A 271 21.76 -0.93 9.36
CA SER A 271 21.80 0.48 9.72
C SER A 271 21.37 0.66 11.17
N VAL A 272 21.18 1.91 11.57
CA VAL A 272 20.76 2.22 12.92
C VAL A 272 19.70 3.32 12.91
N THR A 273 18.96 3.42 14.00
CA THR A 273 17.94 4.44 14.15
C THR A 273 17.57 4.46 15.63
N SER A 274 16.68 5.35 16.01
CA SER A 274 16.27 5.42 17.40
C SER A 274 14.87 6.00 17.53
N ASN A 275 14.26 5.78 18.69
CA ASN A 275 12.93 6.28 18.95
C ASN A 275 12.86 6.78 20.38
N ILE A 276 11.63 6.97 20.88
CA ILE A 276 11.40 7.46 22.23
C ILE A 276 11.90 6.56 23.36
N PHE A 277 11.76 5.25 23.20
CA PHE A 277 12.18 4.32 24.24
C PHE A 277 13.59 3.75 24.11
N TYR A 278 14.15 3.78 22.91
CA TYR A 278 15.48 3.21 22.70
C TYR A 278 16.43 4.08 21.89
N SER A 279 17.59 4.41 22.48
CA SER A 279 18.58 5.21 21.78
C SER A 279 19.15 4.33 20.66
N GLN A 280 19.80 4.95 19.69
CA GLN A 280 20.37 4.27 18.53
C GLN A 280 20.54 2.75 18.66
N TYR A 281 19.80 2.01 17.83
CA TYR A 281 19.85 0.55 17.82
C TYR A 281 19.93 0.03 16.37
N ASN A 282 20.36 -1.23 16.21
CA ASN A 282 20.51 -1.83 14.89
C ASN A 282 19.20 -2.24 14.22
N VAL A 283 19.16 -2.09 12.91
CA VAL A 283 18.00 -2.47 12.13
C VAL A 283 18.43 -2.87 10.72
N LYS A 284 17.83 -3.93 10.19
CA LYS A 284 18.14 -4.39 8.84
C LYS A 284 17.19 -3.68 7.89
N LEU A 285 17.66 -2.58 7.29
CA LEU A 285 16.86 -1.80 6.37
C LEU A 285 16.63 -2.51 5.05
N GLU A 286 15.38 -2.83 4.76
CA GLU A 286 15.05 -3.52 3.52
C GLU A 286 15.18 -2.62 2.30
N TYR A 287 15.70 -3.17 1.21
CA TYR A 287 15.84 -2.42 -0.03
C TYR A 287 14.43 -2.05 -0.51
N ALA A 288 13.45 -2.89 -0.20
CA ALA A 288 12.07 -2.63 -0.60
C ALA A 288 11.63 -1.28 0.00
N GLU A 289 11.94 -1.06 1.27
CA GLU A 289 11.59 0.19 1.95
C GLU A 289 12.38 1.36 1.40
N ILE A 290 13.64 1.12 1.06
CA ILE A 290 14.46 2.18 0.50
C ILE A 290 13.81 2.69 -0.79
N TYR A 291 13.33 1.79 -1.64
CA TYR A 291 12.69 2.23 -2.87
C TYR A 291 11.34 2.91 -2.62
N ALA A 292 10.58 2.39 -1.68
CA ALA A 292 9.26 2.98 -1.36
C ALA A 292 9.47 4.43 -0.87
N PHE A 293 10.56 4.67 -0.15
CA PHE A 293 10.86 6.00 0.34
C PHE A 293 11.42 6.87 -0.78
N GLY A 294 12.46 6.38 -1.45
CA GLY A 294 13.06 7.11 -2.55
C GLY A 294 14.05 8.19 -2.15
N GLY A 295 14.35 9.07 -3.09
CA GLY A 295 15.30 10.15 -2.82
C GLY A 295 16.74 9.63 -2.82
N PRO A 296 17.70 10.44 -2.32
CA PRO A 296 19.12 10.09 -2.26
C PRO A 296 19.40 8.77 -1.55
N THR A 297 18.49 8.40 -0.64
CA THR A 297 18.60 7.16 0.12
C THR A 297 18.78 5.95 -0.78
N ILE A 298 18.27 6.05 -2.00
CA ILE A 298 18.38 4.96 -2.94
C ILE A 298 19.85 4.60 -3.17
N ASP A 299 20.74 5.57 -3.01
CA ASP A 299 22.15 5.32 -3.21
C ASP A 299 22.79 4.45 -2.12
N LEU A 300 22.02 4.12 -1.08
CA LEU A 300 22.52 3.25 -0.02
C LEU A 300 22.62 1.84 -0.59
N ILE A 301 21.86 1.57 -1.65
CA ILE A 301 21.89 0.26 -2.28
C ILE A 301 23.04 0.32 -3.29
N PRO A 302 23.98 -0.63 -3.23
CA PRO A 302 25.10 -0.62 -4.16
C PRO A 302 24.60 -0.55 -5.60
N LYS A 303 25.20 0.33 -6.39
CA LYS A 303 24.80 0.49 -7.78
C LYS A 303 24.71 -0.85 -8.50
N SER A 304 25.73 -1.69 -8.32
CA SER A 304 25.74 -3.00 -8.97
C SER A 304 24.51 -3.82 -8.56
N ALA A 305 24.09 -3.69 -7.31
CA ALA A 305 22.92 -4.42 -6.82
C ALA A 305 21.64 -3.85 -7.43
N ARG A 306 21.55 -2.52 -7.51
CA ARG A 306 20.37 -1.90 -8.10
C ARG A 306 20.21 -2.38 -9.53
N LYS A 307 21.32 -2.44 -10.27
CA LYS A 307 21.30 -2.89 -11.65
C LYS A 307 20.87 -4.34 -11.73
N TYR A 308 21.37 -5.15 -10.79
CA TYR A 308 21.04 -6.57 -10.74
C TYR A 308 19.53 -6.80 -10.63
N PHE A 309 18.89 -6.11 -9.68
CA PHE A 309 17.45 -6.29 -9.49
C PHE A 309 16.67 -5.81 -10.71
N GLU A 310 17.14 -4.75 -11.34
CA GLU A 310 16.47 -4.24 -12.53
C GLU A 310 16.59 -5.23 -13.69
N GLU A 311 17.78 -5.81 -13.87
CA GLU A 311 17.99 -6.80 -14.95
C GLU A 311 17.19 -8.06 -14.66
N LYS A 312 17.09 -8.42 -13.38
CA LYS A 312 16.35 -9.61 -13.00
C LYS A 312 14.87 -9.40 -13.37
N ALA A 313 14.38 -8.19 -13.12
CA ALA A 313 12.99 -7.84 -13.45
C ALA A 313 12.80 -7.93 -14.96
N LEU A 314 13.73 -7.39 -15.72
CA LEU A 314 13.64 -7.43 -17.17
C LEU A 314 13.54 -8.88 -17.67
N ASP A 315 14.34 -9.77 -17.08
CA ASP A 315 14.28 -11.18 -17.49
C ASP A 315 12.91 -11.76 -17.21
N TYR A 316 12.36 -11.43 -16.05
CA TYR A 316 11.03 -11.93 -15.70
C TYR A 316 10.00 -11.36 -16.67
N TYR A 317 10.24 -10.14 -17.14
CA TYR A 317 9.33 -9.52 -18.11
C TYR A 317 9.41 -10.22 -19.46
N ARG A 318 10.62 -10.60 -19.87
CA ARG A 318 10.80 -11.30 -21.14
C ARG A 318 10.05 -12.62 -21.04
N SER A 319 10.13 -13.26 -19.88
CA SER A 319 9.44 -14.53 -19.67
C SER A 319 7.93 -14.31 -19.79
N ILE A 320 7.44 -13.17 -19.30
CA ILE A 320 6.01 -12.85 -19.37
C ILE A 320 5.57 -12.70 -20.83
N ALA A 321 6.35 -11.95 -21.61
CA ALA A 321 6.05 -11.73 -23.01
C ALA A 321 5.96 -13.07 -23.72
N LYS A 322 6.85 -13.99 -23.34
CA LYS A 322 6.88 -15.33 -23.92
C LYS A 322 5.56 -16.03 -23.60
N ARG A 323 5.10 -15.90 -22.37
CA ARG A 323 3.85 -16.51 -21.96
C ARG A 323 2.70 -15.95 -22.80
N LEU A 324 2.71 -14.63 -23.00
CA LEU A 324 1.64 -13.99 -23.78
C LEU A 324 1.57 -14.48 -25.22
N ASN A 325 2.69 -14.94 -25.75
CA ASN A 325 2.72 -15.45 -27.13
C ASN A 325 2.34 -16.91 -27.15
N SER A 326 2.00 -17.46 -25.98
CA SER A 326 1.67 -18.88 -25.89
C SER A 326 0.33 -19.25 -25.26
N ILE A 327 -0.43 -18.26 -24.79
CA ILE A 327 -1.70 -18.58 -24.14
C ILE A 327 -2.72 -19.27 -25.03
N THR A 328 -3.18 -20.44 -24.60
CA THR A 328 -4.18 -21.21 -25.33
C THR A 328 -5.33 -21.62 -24.41
N THR A 329 -5.08 -21.61 -23.11
CA THR A 329 -6.10 -22.01 -22.16
C THR A 329 -6.15 -21.09 -20.93
N ALA A 330 -7.30 -21.11 -20.25
CA ALA A 330 -7.50 -20.27 -19.06
C ALA A 330 -8.28 -21.01 -17.97
N ASN A 331 -8.03 -20.62 -16.73
CA ASN A 331 -8.70 -21.20 -15.57
C ASN A 331 -9.29 -20.08 -14.71
N PRO A 332 -10.61 -20.13 -14.44
CA PRO A 332 -11.52 -21.18 -14.90
C PRO A 332 -11.79 -21.07 -16.41
N SER A 333 -12.38 -22.12 -16.98
CA SER A 333 -12.69 -22.18 -18.40
C SER A 333 -13.49 -21.00 -18.95
N SER A 334 -14.34 -20.42 -18.12
CA SER A 334 -15.17 -19.29 -18.54
C SER A 334 -14.34 -18.14 -19.07
N PHE A 335 -13.05 -18.14 -18.76
CA PHE A 335 -12.14 -17.09 -19.21
C PHE A 335 -11.53 -17.36 -20.58
N ASN A 336 -11.65 -18.59 -21.08
CA ASN A 336 -11.07 -18.93 -22.38
C ASN A 336 -11.47 -17.95 -23.47
N LYS A 337 -12.75 -17.59 -23.51
CA LYS A 337 -13.25 -16.68 -24.51
C LYS A 337 -12.75 -15.24 -24.36
N TYR A 338 -12.06 -14.95 -23.26
CA TYR A 338 -11.54 -13.60 -23.04
C TYR A 338 -10.01 -13.55 -23.02
N ILE A 339 -9.36 -14.60 -23.50
CA ILE A 339 -7.91 -14.64 -23.53
C ILE A 339 -7.33 -13.45 -24.27
N GLY A 340 -7.90 -13.14 -25.43
CA GLY A 340 -7.42 -12.02 -26.23
C GLY A 340 -7.50 -10.69 -25.50
N GLU A 341 -8.61 -10.47 -24.80
CA GLU A 341 -8.85 -9.25 -24.04
C GLU A 341 -7.78 -9.06 -22.96
N TYR A 342 -7.51 -10.12 -22.21
CA TYR A 342 -6.54 -10.04 -21.15
C TYR A 342 -5.10 -9.99 -21.65
N LYS A 343 -4.87 -10.56 -22.82
CA LYS A 343 -3.55 -10.52 -23.42
C LYS A 343 -3.27 -9.04 -23.70
N GLN A 344 -4.26 -8.36 -24.26
CA GLN A 344 -4.15 -6.95 -24.58
C GLN A 344 -3.96 -6.07 -23.34
N LYS A 345 -4.68 -6.38 -22.26
CA LYS A 345 -4.57 -5.60 -21.03
C LYS A 345 -3.16 -5.75 -20.45
N LEU A 346 -2.66 -6.97 -20.45
CA LEU A 346 -1.33 -7.23 -19.91
C LEU A 346 -0.24 -6.60 -20.77
N ILE A 347 -0.46 -6.57 -22.08
CA ILE A 347 0.51 -5.95 -22.99
C ILE A 347 0.62 -4.47 -22.65
N ARG A 348 -0.51 -3.84 -22.36
CA ARG A 348 -0.52 -2.43 -22.01
C ARG A 348 0.13 -2.20 -20.64
N LYS A 349 -0.12 -3.11 -19.71
CA LYS A 349 0.44 -3.00 -18.37
C LYS A 349 1.97 -2.95 -18.38
N TYR A 350 2.58 -3.93 -19.03
CA TYR A 350 4.04 -4.03 -19.10
C TYR A 350 4.66 -3.17 -20.20
N ARG A 351 3.81 -2.51 -20.98
CA ARG A 351 4.26 -1.66 -22.07
C ARG A 351 5.10 -2.42 -23.08
N PHE A 352 4.66 -3.63 -23.40
CA PHE A 352 5.37 -4.45 -24.38
C PHE A 352 5.04 -3.92 -25.76
N VAL A 353 5.76 -4.42 -26.76
CA VAL A 353 5.54 -4.01 -28.14
C VAL A 353 4.98 -5.20 -28.92
N VAL A 354 4.12 -4.91 -29.88
CA VAL A 354 3.53 -5.94 -30.70
C VAL A 354 4.09 -5.79 -32.11
N GLU A 355 4.79 -6.83 -32.56
CA GLU A 355 5.38 -6.81 -33.89
C GLU A 355 4.28 -6.91 -34.95
N SER A 356 4.59 -6.51 -36.17
CA SER A 356 3.61 -6.57 -37.26
C SER A 356 3.12 -8.01 -37.37
N SER A 357 3.97 -8.95 -36.99
CA SER A 357 3.64 -10.37 -37.03
C SER A 357 2.70 -10.76 -35.90
N GLY A 358 2.49 -9.84 -34.96
CA GLY A 358 1.61 -10.10 -33.84
C GLY A 358 2.35 -10.64 -32.61
N GLU A 359 3.65 -10.89 -32.75
CA GLU A 359 4.44 -11.39 -31.64
C GLU A 359 4.71 -10.30 -30.60
N VAL A 360 4.59 -10.66 -29.33
CA VAL A 360 4.83 -9.71 -28.25
C VAL A 360 6.29 -9.72 -27.84
N THR A 361 6.91 -8.55 -27.85
CA THR A 361 8.32 -8.43 -27.47
C THR A 361 8.53 -7.31 -26.47
N VAL A 362 9.65 -7.40 -25.74
CA VAL A 362 10.02 -6.42 -24.75
C VAL A 362 10.93 -5.37 -25.37
N ASN A 363 10.60 -4.10 -25.13
CA ASN A 363 11.41 -2.99 -25.64
C ASN A 363 12.18 -2.45 -24.44
N ARG A 364 13.49 -2.65 -24.42
CA ARG A 364 14.32 -2.20 -23.30
C ARG A 364 14.14 -0.74 -22.93
N ASN A 365 14.12 0.15 -23.92
CA ASN A 365 13.95 1.57 -23.65
C ASN A 365 12.65 1.83 -22.88
N LYS A 366 11.60 1.13 -23.26
CA LYS A 366 10.32 1.29 -22.57
C LYS A 366 10.38 0.70 -21.17
N PHE A 367 11.06 -0.43 -21.03
CA PHE A 367 11.20 -1.07 -19.74
C PHE A 367 11.95 -0.18 -18.75
N VAL A 368 13.07 0.36 -19.19
CA VAL A 368 13.90 1.22 -18.35
C VAL A 368 13.11 2.42 -17.86
N GLU A 369 12.29 2.97 -18.74
CA GLU A 369 11.48 4.12 -18.39
C GLU A 369 10.45 3.73 -17.33
N LEU A 370 9.77 2.59 -17.54
CA LEU A 370 8.77 2.10 -16.60
C LEU A 370 9.39 1.77 -15.25
N TYR A 371 10.48 1.01 -15.27
CA TYR A 371 11.15 0.63 -14.04
C TYR A 371 11.54 1.87 -13.23
N ASN A 372 12.07 2.88 -13.92
CA ASN A 372 12.47 4.10 -13.25
C ASN A 372 11.27 4.80 -12.62
N GLU A 373 10.14 4.81 -13.31
CA GLU A 373 8.93 5.43 -12.77
C GLU A 373 8.52 4.74 -11.48
N LEU A 374 8.44 3.41 -11.54
CA LEU A 374 8.02 2.59 -10.41
C LEU A 374 8.93 2.61 -9.18
N THR A 375 10.23 2.87 -9.38
CA THR A 375 11.17 2.86 -8.28
C THR A 375 11.78 4.20 -7.90
N GLN A 376 11.64 5.22 -8.74
CA GLN A 376 12.23 6.51 -8.40
C GLN A 376 11.33 7.73 -8.52
N ILE A 377 10.19 7.58 -9.21
CA ILE A 377 9.27 8.70 -9.35
C ILE A 377 8.11 8.53 -8.38
N PHE A 378 7.55 7.33 -8.33
CA PHE A 378 6.47 7.02 -7.40
C PHE A 378 7.13 6.65 -6.06
N THR A 379 7.61 7.68 -5.36
CA THR A 379 8.28 7.49 -4.08
C THR A 379 7.77 8.51 -3.06
N GLU A 380 7.81 8.14 -1.79
CA GLU A 380 7.38 9.01 -0.70
C GLU A 380 8.12 10.35 -0.74
N PHE A 381 9.43 10.28 -0.95
CA PHE A 381 10.28 11.46 -1.00
C PHE A 381 9.78 12.46 -2.06
N ASN A 382 9.41 11.93 -3.22
CA ASN A 382 8.92 12.75 -4.32
C ASN A 382 7.53 13.32 -3.96
N TYR A 383 6.68 12.50 -3.37
CA TYR A 383 5.33 12.96 -2.99
C TYR A 383 5.40 14.14 -2.02
N ALA A 384 6.31 14.08 -1.07
CA ALA A 384 6.47 15.15 -0.09
C ALA A 384 6.66 16.50 -0.78
N LYS A 385 7.48 16.51 -1.82
CA LYS A 385 7.74 17.73 -2.58
C LYS A 385 6.51 18.12 -3.42
N ILE A 386 5.93 17.15 -4.10
CA ILE A 386 4.78 17.42 -4.96
C ILE A 386 3.55 17.93 -4.21
N TYR A 387 3.25 17.33 -3.06
CA TYR A 387 2.09 17.73 -2.27
C TYR A 387 2.42 18.88 -1.34
N ASN A 388 3.66 19.34 -1.40
CA ASN A 388 4.14 20.45 -0.59
C ASN A 388 3.82 20.29 0.90
N VAL A 389 4.28 19.18 1.49
CA VAL A 389 4.07 18.96 2.91
C VAL A 389 5.42 18.69 3.57
N GLN A 390 5.50 18.91 4.87
CA GLN A 390 6.74 18.64 5.60
C GLN A 390 6.78 17.12 5.74
N ASN A 391 7.98 16.55 5.77
CA ASN A 391 8.10 15.10 5.90
C ASN A 391 9.49 14.71 6.41
N ARG A 392 9.63 13.48 6.88
CA ARG A 392 10.91 13.01 7.35
C ARG A 392 11.92 13.13 6.22
N LYS A 393 13.16 13.47 6.57
CA LYS A 393 14.20 13.62 5.56
C LYS A 393 14.66 12.27 5.03
N ILE A 394 14.66 11.28 5.90
CA ILE A 394 15.08 9.93 5.54
C ILE A 394 14.10 8.93 6.16
N TYR A 395 14.05 7.73 5.58
CA TYR A 395 13.13 6.72 6.09
C TYR A 395 13.43 6.39 7.55
N LEU A 396 14.71 6.38 7.92
CA LEU A 396 15.10 6.08 9.29
C LEU A 396 15.22 7.30 10.20
N SER A 397 14.52 8.39 9.88
CA SER A 397 14.56 9.57 10.74
C SER A 397 14.13 9.11 12.13
N ASN A 398 14.77 9.62 13.17
CA ASN A 398 14.40 9.24 14.52
C ASN A 398 12.96 9.66 14.75
N VAL A 399 12.20 8.84 15.47
CA VAL A 399 10.80 9.16 15.72
C VAL A 399 10.51 9.46 17.18
N TYR A 400 9.42 10.19 17.42
CA TYR A 400 9.03 10.54 18.77
C TYR A 400 7.69 9.89 19.07
N THR A 401 6.93 10.48 19.99
CA THR A 401 5.63 9.91 20.32
C THR A 401 4.67 10.15 19.16
N PRO A 402 3.97 9.09 18.71
CA PRO A 402 3.03 9.23 17.60
C PRO A 402 1.88 10.16 18.00
N VAL A 403 1.29 10.85 17.02
CA VAL A 403 0.17 11.73 17.30
C VAL A 403 -0.99 11.35 16.39
N THR A 404 -2.18 11.81 16.73
CA THR A 404 -3.35 11.54 15.91
C THR A 404 -4.21 12.80 15.85
N ALA A 405 -5.28 12.76 15.08
CA ALA A 405 -6.17 13.90 14.95
C ALA A 405 -7.45 13.47 14.27
N ASN A 406 -8.46 14.32 14.33
CA ASN A 406 -9.74 14.02 13.69
C ASN A 406 -9.64 14.55 12.26
N ILE A 407 -9.01 13.76 11.39
CA ILE A 407 -8.80 14.15 10.01
C ILE A 407 -10.06 14.27 9.15
N LEU A 408 -11.19 13.78 9.66
CA LEU A 408 -12.45 13.89 8.91
C LEU A 408 -13.06 15.28 9.11
N ASP A 409 -12.52 16.02 10.07
CA ASP A 409 -12.98 17.39 10.36
C ASP A 409 -12.22 18.33 9.44
N ASP A 410 -12.91 18.92 8.46
CA ASP A 410 -12.27 19.83 7.52
C ASP A 410 -11.63 21.07 8.13
N ASN A 411 -11.87 21.30 9.42
CA ASN A 411 -11.26 22.44 10.08
C ASN A 411 -9.91 22.02 10.63
N VAL A 412 -9.65 20.72 10.57
CA VAL A 412 -8.40 20.15 11.05
C VAL A 412 -7.53 19.62 9.92
N TYR A 413 -8.18 18.99 8.94
CA TYR A 413 -7.47 18.40 7.81
C TYR A 413 -8.39 18.38 6.59
N ASP A 414 -7.98 19.01 5.49
CA ASP A 414 -8.81 18.99 4.30
C ASP A 414 -8.06 18.42 3.09
N ILE A 415 -8.81 18.14 2.04
CA ILE A 415 -8.25 17.55 0.83
C ILE A 415 -7.19 18.38 0.14
N GLN A 416 -7.39 19.69 0.08
CA GLN A 416 -6.44 20.56 -0.59
C GLN A 416 -5.11 20.81 0.14
N ASN A 417 -5.18 21.13 1.43
CA ASN A 417 -3.97 21.45 2.18
C ASN A 417 -3.62 20.56 3.37
N GLY A 418 -4.40 19.51 3.59
CA GLY A 418 -4.11 18.65 4.72
C GLY A 418 -4.26 19.42 6.02
N PHE A 419 -3.23 19.40 6.87
CA PHE A 419 -3.26 20.11 8.15
C PHE A 419 -2.89 21.58 7.98
N ASN A 420 -2.19 21.90 6.90
CA ASN A 420 -1.72 23.26 6.67
C ASN A 420 -2.77 24.17 6.03
N ILE A 421 -3.87 24.34 6.75
CA ILE A 421 -5.01 25.14 6.31
C ILE A 421 -4.83 26.65 6.49
N PRO A 422 -4.92 27.41 5.39
CA PRO A 422 -4.77 28.87 5.41
C PRO A 422 -5.76 29.53 6.35
N LYS A 423 -6.99 29.03 6.33
CA LYS A 423 -8.07 29.54 7.17
C LYS A 423 -7.69 29.48 8.64
N SER A 424 -7.00 28.41 9.03
CA SER A 424 -6.57 28.23 10.41
C SER A 424 -5.24 28.93 10.66
N ASN A 425 -4.74 29.60 9.63
CA ASN A 425 -3.46 30.30 9.72
C ASN A 425 -2.34 29.31 10.03
N LEU A 426 -2.46 28.11 9.47
CA LEU A 426 -1.47 27.05 9.68
C LEU A 426 -0.82 26.69 8.34
N ASN A 427 -0.86 27.63 7.39
CA ASN A 427 -0.31 27.42 6.07
C ASN A 427 1.13 27.93 5.90
N VAL A 428 1.67 28.54 6.93
CA VAL A 428 3.03 29.06 6.85
C VAL A 428 4.02 28.11 7.50
N LEU A 429 5.08 27.79 6.76
CA LEU A 429 6.13 26.89 7.24
C LEU A 429 5.60 25.57 7.80
N PHE A 430 4.60 25.01 7.13
CA PHE A 430 4.01 23.74 7.53
C PHE A 430 3.59 23.68 9.00
N MET A 431 3.09 24.81 9.53
CA MET A 431 2.67 24.85 10.93
C MET A 431 1.57 23.88 11.31
N GLY A 432 0.74 23.48 10.34
CA GLY A 432 -0.32 22.53 10.64
C GLY A 432 0.24 21.19 11.07
N GLN A 433 1.48 20.91 10.63
CA GLN A 433 2.14 19.65 10.96
C GLN A 433 3.08 19.80 12.15
N ASN A 434 3.23 21.03 12.63
CA ASN A 434 4.11 21.34 13.75
C ASN A 434 3.38 21.06 15.07
N LEU A 435 3.83 20.04 15.80
CA LEU A 435 3.22 19.65 17.06
C LEU A 435 3.06 20.78 18.06
N SER A 436 4.02 21.71 18.08
CA SER A 436 3.97 22.82 19.03
C SER A 436 3.09 23.98 18.55
N ARG A 437 2.65 23.94 17.31
CA ARG A 437 1.81 25.02 16.78
C ARG A 437 0.38 24.61 16.43
N ASN A 438 0.11 23.31 16.35
CA ASN A 438 -1.24 22.87 16.01
C ASN A 438 -1.88 22.04 17.12
N PRO A 439 -2.78 22.66 17.91
CA PRO A 439 -3.46 21.97 19.01
C PRO A 439 -4.33 20.79 18.58
N ALA A 440 -4.67 20.75 17.29
CA ALA A 440 -5.51 19.66 16.76
C ALA A 440 -4.76 18.33 16.80
N LEU A 441 -3.43 18.41 16.86
CA LEU A 441 -2.60 17.22 16.91
C LEU A 441 -2.42 16.80 18.38
N ARG A 442 -2.75 15.56 18.70
CA ARG A 442 -2.62 15.09 20.08
C ARG A 442 -1.85 13.77 20.14
N LYS A 443 -1.01 13.63 21.16
CA LYS A 443 -0.24 12.41 21.31
C LYS A 443 -1.19 11.25 21.53
N VAL A 444 -0.83 10.07 21.05
CA VAL A 444 -1.67 8.90 21.23
C VAL A 444 -1.62 8.47 22.69
N ASN A 445 -2.59 7.65 23.09
CA ASN A 445 -2.67 7.17 24.47
C ASN A 445 -1.37 6.50 24.89
N PRO A 446 -0.67 7.09 25.89
CA PRO A 446 0.60 6.50 26.34
C PRO A 446 0.39 5.13 26.98
N GLU A 447 -0.82 4.88 27.45
CA GLU A 447 -1.16 3.61 28.10
C GLU A 447 -1.03 2.43 27.14
N ASN A 448 -1.16 2.70 25.85
CA ASN A 448 -1.08 1.63 24.86
C ASN A 448 0.25 1.53 24.12
N MET A 449 1.21 2.37 24.49
CA MET A 449 2.53 2.35 23.86
C MET A 449 3.42 1.27 24.44
N LEU A 450 4.34 0.77 23.63
CA LEU A 450 5.29 -0.26 24.05
C LEU A 450 6.58 -0.12 23.26
#